data_3FJO
#
_entry.id   3FJO
#
_cell.length_a   146.800
_cell.length_b   60.700
_cell.length_c   78.860
_cell.angle_alpha   90.00
_cell.angle_beta   103.36
_cell.angle_gamma   90.00
#
_symmetry.space_group_name_H-M   'C 1 2 1'
#
loop_
_entity.id
_entity.type
_entity.pdbx_description
1 polymer 'NADPH-cytochrome P450 reductase'
2 non-polymer 'FLAVIN MONONUCLEOTIDE'
3 non-polymer 'FLAVIN-ADENINE DINUCLEOTIDE'
4 water water
#
_entity_poly.entity_id   1
_entity_poly.type   'polypeptide(L)'
_entity_poly.pdbx_seq_one_letter_code
;MGSSHHHHHHSSGLVPRGSHMLESSGNRDIAQVVTENNKNYLVLYASQTGTAEDYAKKFSKELVAKFNLNVMCADVENYD
FESLNDVPVIVSIFISTYGEGDFPDGAVNFEDFICNAEAGALSNLRYNMFGLGNSTYEFFNGAAKKAEKHLSAAGAIRLG
KLGEADDGAGTTDEDYMAWKDSILEVLKDELGVEATGEESSIRQYELVVHTDIDAAKVYMGEMGRLKSYENQKPPFDAKN
PFLAAVTTNRKLNQGTERHLMHLELDISDSKIRYESGDHVAVYPANDSALVNQLGKILGADLDVVMSLNNLDEESNKKHP
FPCPTSYRTALTYYLDITNPPRTNVLYELAQYASEPSEQELLRKMASSSGEGKELYLSWVVEARRHILAILQDCPSLRPP
IDHLCELLPRLQARYYSIASSSKVHPNSVHICAVVVEYETKAGRINKGVATNWLRAKEPAGENGGRALVPMFVRKSQFRL
PFKATTPVIMVGPGTGVAPFIGFIQERAWLRQQGKEVGETLLYYGCRRSDEDYLYREELAQFHRDGALTQLNVAFSREQS
HKVYVQHLLKQDREHLWKLIEGGAHIYVCGDARNMARDVQNTFYDIVAELGAMEHAQAVDYIKKLMTKGRYSLDVWS
;
_entity_poly.pdbx_strand_id   A
#
# COMPACT_ATOMS: atom_id res chain seq x y z
N ASN A 27 -29.27 40.39 8.59
CA ASN A 27 -29.97 40.63 7.30
C ASN A 27 -29.06 41.41 6.36
N ARG A 28 -28.72 42.64 6.75
CA ARG A 28 -27.83 43.50 5.95
C ARG A 28 -26.39 43.45 6.45
N ASP A 29 -26.15 42.68 7.51
CA ASP A 29 -24.80 42.49 8.05
C ASP A 29 -24.07 41.40 7.24
N ILE A 30 -23.12 41.81 6.42
CA ILE A 30 -22.46 40.93 5.46
C ILE A 30 -21.62 39.81 6.11
N ALA A 31 -20.92 40.15 7.20
CA ALA A 31 -20.15 39.15 7.95
C ALA A 31 -21.09 38.20 8.69
N GLN A 32 -22.18 38.72 9.24
CA GLN A 32 -23.19 37.91 9.89
C GLN A 32 -23.76 36.86 8.92
N VAL A 33 -24.26 37.35 7.78
CA VAL A 33 -24.90 36.51 6.76
C VAL A 33 -23.94 35.46 6.20
N VAL A 34 -22.67 35.84 5.99
CA VAL A 34 -21.68 34.89 5.48
C VAL A 34 -21.47 33.73 6.45
N THR A 35 -21.30 34.07 7.73
CA THR A 35 -21.11 33.07 8.78
C THR A 35 -22.35 32.18 8.95
N GLU A 36 -23.50 32.79 9.24
CA GLU A 36 -24.77 32.08 9.38
C GLU A 36 -24.90 30.97 8.35
N ASN A 37 -24.74 31.32 7.09
CA ASN A 37 -25.07 30.43 5.99
C ASN A 37 -23.92 29.51 5.58
N ASN A 38 -22.83 29.54 6.36
CA ASN A 38 -21.69 28.64 6.17
C ASN A 38 -21.01 28.76 4.80
N LYS A 39 -20.78 30.00 4.37
CA LYS A 39 -20.14 30.24 3.06
C LYS A 39 -18.62 30.09 3.18
N ASN A 40 -18.01 29.44 2.20
CA ASN A 40 -16.55 29.31 2.09
C ASN A 40 -15.87 30.49 1.40
N TYR A 41 -16.65 31.31 0.69
CA TYR A 41 -16.10 32.30 -0.25
C TYR A 41 -17.17 33.35 -0.56
N LEU A 42 -16.78 34.63 -0.60
CA LEU A 42 -17.72 35.70 -0.89
C LEU A 42 -17.33 36.40 -2.19
N VAL A 43 -18.30 36.53 -3.10
CA VAL A 43 -18.16 37.34 -4.31
C VAL A 43 -19.13 38.51 -4.21
N LEU A 44 -18.60 39.73 -4.21
CA LEU A 44 -19.43 40.93 -4.13
C LEU A 44 -19.38 41.63 -5.47
N TYR A 45 -20.47 42.32 -5.82
CA TYR A 45 -20.47 43.14 -7.01
C TYR A 45 -21.22 44.46 -6.81
N ALA A 46 -20.80 45.47 -7.56
CA ALA A 46 -21.45 46.78 -7.63
C ALA A 46 -21.65 47.11 -9.11
N SER A 47 -22.89 47.35 -9.50
CA SER A 47 -23.29 47.28 -10.89
C SER A 47 -24.54 48.12 -11.14
N GLN A 48 -24.45 49.08 -12.04
CA GLN A 48 -25.61 49.91 -12.42
C GLN A 48 -26.44 49.22 -13.48
N THR A 49 -25.75 48.66 -14.46
CA THR A 49 -26.37 48.16 -15.68
C THR A 49 -26.12 46.65 -15.94
N GLY A 50 -25.65 45.94 -14.92
CA GLY A 50 -25.69 44.46 -14.90
C GLY A 50 -24.50 43.71 -15.45
N THR A 51 -23.46 44.43 -15.87
CA THR A 51 -22.26 43.78 -16.41
C THR A 51 -21.41 43.18 -15.29
N ALA A 52 -21.13 43.97 -14.26
CA ALA A 52 -20.41 43.49 -13.06
C ALA A 52 -21.16 42.35 -12.39
N GLU A 53 -22.48 42.47 -12.33
CA GLU A 53 -23.34 41.39 -11.81
C GLU A 53 -23.14 40.10 -12.59
N ASP A 54 -23.21 40.22 -13.92
CA ASP A 54 -23.04 39.09 -14.82
C ASP A 54 -21.73 38.36 -14.61
N TYR A 55 -20.64 39.11 -14.56
CA TYR A 55 -19.31 38.53 -14.40
C TYR A 55 -19.04 38.04 -12.97
N ALA A 56 -19.57 38.73 -11.97
CA ALA A 56 -19.51 38.23 -10.60
C ALA A 56 -20.21 36.87 -10.49
N LYS A 57 -21.28 36.69 -11.26
CA LYS A 57 -22.02 35.43 -11.27
C LYS A 57 -21.28 34.37 -12.05
N LYS A 58 -20.72 34.73 -13.20
CA LYS A 58 -19.91 33.79 -14.00
C LYS A 58 -18.74 33.21 -13.20
N PHE A 59 -18.10 34.06 -12.40
CA PHE A 59 -16.95 33.67 -11.61
C PHE A 59 -17.34 32.71 -10.50
N SER A 60 -18.39 33.07 -9.76
CA SER A 60 -18.96 32.24 -8.74
C SER A 60 -19.23 30.84 -9.27
N LYS A 61 -19.98 30.75 -10.37
CA LYS A 61 -20.25 29.46 -11.02
C LYS A 61 -18.97 28.65 -11.28
N GLU A 62 -17.89 29.32 -11.66
CA GLU A 62 -16.63 28.64 -11.97
C GLU A 62 -15.92 28.22 -10.68
N LEU A 63 -15.94 29.08 -9.67
CA LEU A 63 -15.46 28.74 -8.31
C LEU A 63 -16.05 27.42 -7.79
N VAL A 64 -17.36 27.28 -7.88
CA VAL A 64 -18.07 26.08 -7.43
C VAL A 64 -17.74 24.87 -8.31
N ALA A 65 -17.77 25.05 -9.63
CA ALA A 65 -17.54 23.94 -10.55
C ALA A 65 -16.17 23.30 -10.34
N LYS A 66 -15.19 24.09 -9.90
CA LYS A 66 -13.78 23.66 -9.83
C LYS A 66 -13.26 23.37 -8.42
N PHE A 67 -13.77 24.06 -7.42
CA PHE A 67 -13.34 23.83 -6.03
C PHE A 67 -14.44 23.31 -5.12
N ASN A 68 -15.67 23.23 -5.64
CA ASN A 68 -16.82 22.83 -4.86
C ASN A 68 -16.96 23.62 -3.55
N LEU A 69 -16.66 24.92 -3.60
CA LEU A 69 -16.86 25.79 -2.44
C LEU A 69 -18.35 26.10 -2.27
N ASN A 70 -18.68 26.68 -1.11
CA ASN A 70 -20.01 27.19 -0.86
C ASN A 70 -19.93 28.70 -0.94
N VAL A 71 -20.42 29.23 -2.06
CA VAL A 71 -20.17 30.60 -2.47
C VAL A 71 -21.41 31.46 -2.23
N MET A 72 -21.21 32.65 -1.67
CA MET A 72 -22.25 33.65 -1.70
C MET A 72 -21.86 34.61 -2.83
N CYS A 73 -22.85 35.06 -3.60
CA CYS A 73 -22.66 36.08 -4.62
C CYS A 73 -23.73 37.14 -4.46
N ALA A 74 -23.36 38.31 -3.95
CA ALA A 74 -24.36 39.29 -3.50
C ALA A 74 -24.15 40.67 -4.10
N ASP A 75 -25.26 41.38 -4.30
CA ASP A 75 -25.23 42.75 -4.77
C ASP A 75 -24.91 43.61 -3.56
N VAL A 76 -23.77 44.26 -3.62
CA VAL A 76 -23.35 45.29 -2.66
C VAL A 76 -24.50 46.18 -2.13
N GLU A 77 -25.46 46.50 -2.98
CA GLU A 77 -26.58 47.40 -2.60
C GLU A 77 -27.45 46.90 -1.45
N ASN A 78 -27.36 45.60 -1.12
CA ASN A 78 -28.25 44.96 -0.15
C ASN A 78 -27.65 44.72 1.24
N TYR A 79 -26.47 45.26 1.52
CA TYR A 79 -25.82 45.01 2.80
C TYR A 79 -25.18 46.26 3.34
N ASP A 80 -25.04 46.30 4.67
CA ASP A 80 -24.22 47.27 5.35
C ASP A 80 -22.87 46.59 5.56
N PHE A 81 -21.78 47.35 5.45
CA PHE A 81 -20.44 46.78 5.42
C PHE A 81 -19.55 47.11 6.62
N GLU A 82 -20.17 47.55 7.71
CA GLU A 82 -19.44 47.91 8.93
C GLU A 82 -18.69 46.71 9.51
N SER A 83 -19.13 45.50 9.17
CA SER A 83 -18.44 44.28 9.60
C SER A 83 -17.60 43.61 8.50
N LEU A 84 -17.26 44.35 7.44
CA LEU A 84 -16.44 43.79 6.33
C LEU A 84 -15.18 43.10 6.84
N ASN A 85 -14.56 43.69 7.85
CA ASN A 85 -13.33 43.15 8.42
C ASN A 85 -13.51 41.81 9.16
N ASP A 86 -14.75 41.47 9.50
CA ASP A 86 -15.08 40.22 10.20
C ASP A 86 -15.56 39.08 9.28
N VAL A 87 -15.51 39.31 7.97
CA VAL A 87 -15.80 38.25 7.02
C VAL A 87 -14.61 37.30 7.01
N PRO A 88 -14.83 36.03 7.42
CA PRO A 88 -13.72 35.08 7.53
C PRO A 88 -13.39 34.28 6.27
N VAL A 89 -13.94 34.65 5.12
CA VAL A 89 -13.57 34.01 3.85
C VAL A 89 -12.96 35.01 2.88
N ILE A 90 -12.36 34.49 1.81
CA ILE A 90 -11.78 35.30 0.75
C ILE A 90 -12.90 36.02 -0.03
N VAL A 91 -12.70 37.30 -0.28
CA VAL A 91 -13.68 38.13 -0.95
C VAL A 91 -13.18 38.51 -2.35
N SER A 92 -13.95 38.15 -3.39
CA SER A 92 -13.79 38.73 -4.73
C SER A 92 -14.68 39.95 -4.80
N ILE A 93 -14.23 41.01 -5.46
CA ILE A 93 -15.05 42.20 -5.67
C ILE A 93 -15.04 42.59 -7.15
N PHE A 94 -16.23 42.65 -7.75
CA PHE A 94 -16.41 43.14 -9.12
C PHE A 94 -17.09 44.50 -9.03
N ILE A 95 -16.52 45.52 -9.64
CA ILE A 95 -17.03 46.87 -9.45
C ILE A 95 -16.88 47.74 -10.69
N SER A 96 -17.92 48.50 -10.98
CA SER A 96 -18.00 49.34 -12.17
C SER A 96 -17.81 50.81 -11.85
N THR A 97 -17.37 51.55 -12.87
CA THR A 97 -17.09 52.99 -12.75
C THR A 97 -18.17 53.79 -13.49
N TYR A 98 -18.57 54.94 -12.93
CA TYR A 98 -19.75 55.68 -13.45
C TYR A 98 -19.79 57.22 -13.38
N GLY A 99 -18.72 57.89 -12.96
CA GLY A 99 -18.75 59.35 -12.94
C GLY A 99 -17.37 59.92 -13.05
N GLU A 100 -16.85 60.35 -11.91
CA GLU A 100 -15.49 60.88 -11.80
C GLU A 100 -14.63 59.79 -11.13
N GLY A 101 -14.76 58.56 -11.66
CA GLY A 101 -14.21 57.40 -10.97
C GLY A 101 -15.08 57.01 -9.78
N ASP A 102 -16.38 57.35 -9.85
CA ASP A 102 -17.33 56.97 -8.81
C ASP A 102 -17.77 55.51 -8.99
N PHE A 103 -18.40 54.99 -7.94
CA PHE A 103 -19.09 53.71 -7.97
C PHE A 103 -20.48 53.96 -8.59
N PRO A 104 -21.22 52.90 -8.97
CA PRO A 104 -22.62 53.12 -9.34
C PRO A 104 -23.42 53.74 -8.20
N ASP A 105 -24.37 54.62 -8.51
CA ASP A 105 -25.05 55.43 -7.47
C ASP A 105 -25.78 54.56 -6.42
N GLY A 106 -26.21 53.37 -6.82
CA GLY A 106 -26.85 52.43 -5.89
C GLY A 106 -25.91 51.88 -4.83
N ALA A 107 -24.62 51.80 -5.14
CA ALA A 107 -23.63 51.24 -4.22
C ALA A 107 -22.98 52.29 -3.31
N VAL A 108 -23.67 53.41 -3.09
CA VAL A 108 -23.19 54.50 -2.23
C VAL A 108 -22.67 54.00 -0.88
N ASN A 109 -23.45 53.16 -0.21
CA ASN A 109 -23.08 52.71 1.13
C ASN A 109 -21.78 51.90 1.14
N PHE A 110 -21.59 51.05 0.12
CA PHE A 110 -20.33 50.31 -0.07
C PHE A 110 -19.16 51.25 -0.32
N GLU A 111 -19.40 52.31 -1.09
CA GLU A 111 -18.35 53.29 -1.41
C GLU A 111 -17.96 54.09 -0.16
N ASP A 112 -18.95 54.58 0.57
CA ASP A 112 -18.71 55.39 1.77
C ASP A 112 -17.89 54.61 2.80
N PHE A 113 -18.03 53.30 2.82
CA PHE A 113 -17.24 52.48 3.73
C PHE A 113 -15.79 52.30 3.27
N ILE A 114 -15.59 52.07 1.98
CA ILE A 114 -14.23 51.87 1.46
C ILE A 114 -13.38 53.15 1.58
N CYS A 115 -13.97 54.32 1.37
CA CYS A 115 -13.23 55.58 1.45
C CYS A 115 -13.00 56.08 2.88
N ASN A 116 -13.92 55.76 3.78
CA ASN A 116 -13.76 56.09 5.20
C ASN A 116 -12.86 55.12 5.97
N ALA A 117 -12.43 54.05 5.31
CA ALA A 117 -11.65 52.99 5.96
C ALA A 117 -10.30 53.52 6.47
N GLU A 118 -10.14 53.49 7.78
CA GLU A 118 -8.95 54.04 8.43
C GLU A 118 -7.87 52.99 8.51
N ALA A 119 -6.66 53.42 8.88
CA ALA A 119 -5.50 52.53 8.92
C ALA A 119 -5.79 51.30 9.77
N GLY A 120 -5.51 50.11 9.24
CA GLY A 120 -5.71 48.85 9.95
C GLY A 120 -7.14 48.33 9.99
N ALA A 121 -8.11 49.14 9.55
CA ALA A 121 -9.53 48.79 9.62
C ALA A 121 -9.90 47.47 8.93
N LEU A 122 -9.17 47.10 7.88
CA LEU A 122 -9.46 45.88 7.11
C LEU A 122 -8.28 44.91 7.04
N SER A 123 -7.49 44.84 8.11
CA SER A 123 -6.27 44.02 8.11
C SER A 123 -6.48 42.51 7.96
N ASN A 124 -7.68 42.03 8.29
CA ASN A 124 -8.05 40.62 8.08
C ASN A 124 -8.63 40.33 6.69
N LEU A 125 -9.08 41.37 6.00
CA LEU A 125 -9.65 41.20 4.67
C LEU A 125 -8.59 40.69 3.70
N ARG A 126 -8.83 39.53 3.10
CA ARG A 126 -8.07 39.05 1.95
C ARG A 126 -8.99 39.06 0.75
N TYR A 127 -8.60 39.79 -0.30
CA TYR A 127 -9.49 39.99 -1.44
C TYR A 127 -8.76 39.90 -2.79
N ASN A 128 -9.55 39.72 -3.85
CA ASN A 128 -9.10 39.99 -5.21
C ASN A 128 -10.15 40.86 -5.87
N MET A 129 -9.77 41.52 -6.95
CA MET A 129 -10.62 42.52 -7.57
C MET A 129 -10.56 42.54 -9.07
N PHE A 130 -11.72 42.81 -9.67
CA PHE A 130 -11.87 42.97 -11.11
C PHE A 130 -12.80 44.16 -11.33
N GLY A 131 -12.24 45.29 -11.74
CA GLY A 131 -13.03 46.48 -12.04
C GLY A 131 -13.55 46.45 -13.47
N LEU A 132 -14.66 47.15 -13.72
CA LEU A 132 -15.24 47.25 -15.05
C LEU A 132 -15.36 48.70 -15.46
N GLY A 133 -14.73 49.06 -16.57
CA GLY A 133 -14.73 50.42 -17.03
C GLY A 133 -14.76 50.55 -18.54
N ASN A 134 -14.27 51.67 -19.03
CA ASN A 134 -14.33 52.03 -20.43
C ASN A 134 -13.36 53.19 -20.62
N SER A 135 -12.27 52.94 -21.33
CA SER A 135 -11.19 53.93 -21.52
C SER A 135 -11.61 55.19 -22.28
N THR A 136 -12.76 55.08 -22.94
CA THR A 136 -13.35 56.15 -23.72
C THR A 136 -13.92 57.27 -22.82
N TYR A 137 -13.98 57.01 -21.52
CA TYR A 137 -14.35 58.04 -20.54
C TYR A 137 -13.08 58.66 -19.94
N GLU A 138 -13.25 59.68 -19.11
CA GLU A 138 -12.14 60.42 -18.55
C GLU A 138 -11.29 59.58 -17.59
N PHE A 139 -11.94 58.96 -16.61
CA PHE A 139 -11.24 58.23 -15.54
C PHE A 139 -11.36 56.71 -15.67
N PHE A 140 -10.53 56.11 -16.53
CA PHE A 140 -10.62 54.68 -16.80
C PHE A 140 -10.48 53.84 -15.54
N ASN A 141 -11.54 53.11 -15.19
CA ASN A 141 -11.58 52.22 -14.03
C ASN A 141 -11.28 52.91 -12.69
N GLY A 142 -11.75 54.15 -12.56
CA GLY A 142 -11.50 54.94 -11.36
C GLY A 142 -12.03 54.28 -10.10
N ALA A 143 -13.17 53.62 -10.21
CA ALA A 143 -13.82 52.97 -9.07
C ALA A 143 -12.93 51.87 -8.50
N ALA A 144 -12.59 50.89 -9.32
CA ALA A 144 -11.70 49.80 -8.91
C ALA A 144 -10.30 50.31 -8.53
N LYS A 145 -9.85 51.39 -9.16
CA LYS A 145 -8.55 51.96 -8.83
C LYS A 145 -8.58 52.66 -7.46
N LYS A 146 -9.63 53.44 -7.22
CA LYS A 146 -9.86 54.07 -5.92
C LYS A 146 -10.01 53.01 -4.82
N ALA A 147 -10.89 52.04 -5.07
CA ALA A 147 -11.16 50.94 -4.15
C ALA A 147 -9.89 50.27 -3.67
N GLU A 148 -9.00 49.97 -4.60
CA GLU A 148 -7.77 49.24 -4.31
C GLU A 148 -6.80 50.10 -3.48
N LYS A 149 -6.71 51.39 -3.79
CA LYS A 149 -5.89 52.29 -2.97
C LYS A 149 -6.36 52.23 -1.51
N HIS A 150 -7.68 52.27 -1.32
CA HIS A 150 -8.27 52.34 0.01
C HIS A 150 -8.24 51.04 0.78
N LEU A 151 -8.42 49.93 0.07
CA LEU A 151 -8.36 48.60 0.68
C LEU A 151 -6.97 48.32 1.27
N SER A 152 -5.95 48.50 0.44
CA SER A 152 -4.56 48.29 0.88
C SER A 152 -4.16 49.33 1.93
N ALA A 153 -4.54 50.60 1.71
CA ALA A 153 -4.32 51.65 2.70
C ALA A 153 -4.85 51.24 4.08
N ALA A 154 -6.01 50.59 4.12
CA ALA A 154 -6.63 50.11 5.37
C ALA A 154 -6.15 48.72 5.83
N GLY A 155 -5.20 48.13 5.12
CA GLY A 155 -4.53 46.90 5.58
C GLY A 155 -4.91 45.59 4.92
N ALA A 156 -5.87 45.61 4.00
CA ALA A 156 -6.30 44.40 3.29
C ALA A 156 -5.22 43.90 2.32
N ILE A 157 -5.07 42.58 2.19
CA ILE A 157 -4.15 41.98 1.22
C ILE A 157 -4.88 41.54 -0.04
N ARG A 158 -4.52 42.12 -1.19
CA ARG A 158 -5.02 41.62 -2.47
C ARG A 158 -4.25 40.40 -2.91
N LEU A 159 -4.98 39.39 -3.38
CA LEU A 159 -4.41 38.20 -4.01
C LEU A 159 -4.56 38.34 -5.53
N GLY A 160 -3.50 38.01 -6.26
CA GLY A 160 -3.52 38.11 -7.72
C GLY A 160 -3.52 39.53 -8.25
N LYS A 161 -3.64 39.66 -9.57
CA LYS A 161 -3.61 40.95 -10.24
C LYS A 161 -4.95 41.66 -10.11
N LEU A 162 -4.92 42.99 -10.14
CA LEU A 162 -6.13 43.77 -10.28
C LEU A 162 -6.57 43.74 -11.74
N GLY A 163 -7.79 43.27 -11.98
CA GLY A 163 -8.36 43.24 -13.33
C GLY A 163 -9.04 44.55 -13.68
N GLU A 164 -9.03 44.88 -14.97
CA GLU A 164 -9.58 46.16 -15.45
C GLU A 164 -10.21 45.97 -16.82
N ALA A 165 -11.47 45.56 -16.86
CA ALA A 165 -12.15 45.36 -18.13
C ALA A 165 -12.25 46.68 -18.86
N ASP A 166 -12.03 46.66 -20.17
CA ASP A 166 -12.17 47.85 -20.99
C ASP A 166 -13.28 47.65 -22.01
N ASP A 167 -14.45 48.20 -21.69
CA ASP A 167 -15.57 48.14 -22.60
C ASP A 167 -15.34 49.06 -23.81
N GLY A 168 -14.49 50.08 -23.65
CA GLY A 168 -14.15 50.99 -24.74
C GLY A 168 -13.38 50.33 -25.87
N ALA A 169 -12.56 49.33 -25.52
CA ALA A 169 -11.77 48.58 -26.49
C ALA A 169 -12.51 47.35 -26.97
N GLY A 170 -13.68 47.06 -26.39
CA GLY A 170 -14.43 45.83 -26.66
C GLY A 170 -13.77 44.58 -26.11
N THR A 171 -12.94 44.74 -25.07
CA THR A 171 -12.10 43.65 -24.54
C THR A 171 -12.65 42.97 -23.29
N THR A 172 -13.78 43.47 -22.77
CA THR A 172 -14.28 43.10 -21.42
C THR A 172 -14.32 41.61 -21.14
N ASP A 173 -14.78 40.83 -22.12
CA ASP A 173 -14.94 39.39 -21.94
C ASP A 173 -13.60 38.73 -21.84
N GLU A 174 -12.70 39.06 -22.76
CA GLU A 174 -11.34 38.52 -22.75
C GLU A 174 -10.54 39.05 -21.56
N ASP A 175 -10.79 40.31 -21.19
CA ASP A 175 -10.20 40.89 -19.98
C ASP A 175 -10.59 40.04 -18.75
N TYR A 176 -11.87 39.70 -18.65
CA TYR A 176 -12.36 38.79 -17.60
C TYR A 176 -11.76 37.37 -17.71
N MET A 177 -11.80 36.79 -18.91
CA MET A 177 -11.25 35.43 -19.13
C MET A 177 -9.82 35.33 -18.61
N ALA A 178 -8.98 36.28 -19.03
CA ALA A 178 -7.58 36.32 -18.61
C ALA A 178 -7.47 36.44 -17.11
N TRP A 179 -8.25 37.36 -16.52
CA TRP A 179 -8.21 37.60 -15.08
C TRP A 179 -8.63 36.38 -14.29
N LYS A 180 -9.73 35.76 -14.72
CA LYS A 180 -10.26 34.59 -14.06
C LYS A 180 -9.23 33.44 -14.04
N ASP A 181 -8.71 33.06 -15.20
CA ASP A 181 -7.68 32.03 -15.26
C ASP A 181 -6.57 32.33 -14.25
N SER A 182 -6.16 33.59 -14.20
CA SER A 182 -5.13 34.05 -13.26
C SER A 182 -5.49 33.78 -11.79
N ILE A 183 -6.61 34.34 -11.33
CA ILE A 183 -7.02 34.22 -9.92
C ILE A 183 -7.26 32.78 -9.46
N LEU A 184 -7.73 31.92 -10.36
CA LEU A 184 -7.90 30.49 -10.05
C LEU A 184 -6.58 29.80 -9.76
N GLU A 185 -5.50 30.22 -10.41
CA GLU A 185 -4.17 29.70 -10.07
C GLU A 185 -3.75 30.21 -8.69
N VAL A 186 -3.98 31.51 -8.44
CA VAL A 186 -3.67 32.09 -7.13
C VAL A 186 -4.46 31.40 -6.03
N LEU A 187 -5.73 31.08 -6.32
CA LEU A 187 -6.59 30.46 -5.32
C LEU A 187 -6.22 28.98 -5.06
N LYS A 188 -5.85 28.25 -6.11
CA LYS A 188 -5.37 26.87 -5.96
C LYS A 188 -4.32 26.72 -4.85
N ASP A 189 -3.45 27.72 -4.70
CA ASP A 189 -2.45 27.73 -3.62
C ASP A 189 -3.02 28.27 -2.30
N GLU A 190 -3.88 29.29 -2.38
CA GLU A 190 -4.47 29.92 -1.19
C GLU A 190 -5.42 28.99 -0.44
N LEU A 191 -6.20 28.22 -1.19
CA LEU A 191 -7.20 27.33 -0.59
C LEU A 191 -6.69 25.88 -0.50
N GLY A 192 -5.48 25.64 -0.97
CA GLY A 192 -5.03 24.28 -1.22
C GLY A 192 -5.92 23.67 -2.29
N VAL A 193 -5.77 22.36 -2.51
CA VAL A 193 -6.64 21.60 -3.44
C VAL A 193 -6.36 21.86 -4.92
N GLU A 194 -6.98 21.03 -5.75
CA GLU A 194 -6.79 21.01 -7.20
C GLU A 194 -8.17 21.20 -7.84
N ALA A 195 -8.18 21.66 -9.08
CA ALA A 195 -9.42 21.89 -9.80
C ALA A 195 -10.00 20.60 -10.37
N THR A 196 -11.20 20.25 -9.90
CA THR A 196 -12.05 19.27 -10.58
C THR A 196 -11.95 19.49 -12.09
N GLY A 197 -11.60 18.45 -12.81
CA GLY A 197 -11.19 18.59 -14.21
C GLY A 197 -9.71 18.90 -14.19
N GLU A 198 -8.91 17.85 -14.02
CA GLU A 198 -7.46 17.90 -13.90
C GLU A 198 -6.99 16.50 -13.55
N GLU A 199 -5.94 16.07 -14.25
CA GLU A 199 -5.27 14.83 -13.96
C GLU A 199 -3.80 15.22 -14.03
N SER A 200 -3.25 15.60 -12.88
CA SER A 200 -1.83 15.88 -12.78
C SER A 200 -1.08 14.54 -12.87
N SER A 201 -1.41 13.75 -13.89
CA SER A 201 -0.96 12.38 -14.00
C SER A 201 0.37 12.33 -14.73
N ILE A 202 1.38 11.79 -14.05
CA ILE A 202 2.74 11.70 -14.57
C ILE A 202 3.02 10.28 -15.04
N ARG A 203 3.24 10.09 -16.33
CA ARG A 203 3.70 8.81 -16.86
C ARG A 203 5.20 8.70 -16.68
N GLN A 204 5.65 7.73 -15.89
CA GLN A 204 7.08 7.54 -15.62
C GLN A 204 7.81 6.86 -16.79
N TYR A 205 7.10 6.02 -17.54
CA TYR A 205 7.69 5.24 -18.63
C TYR A 205 6.92 5.43 -19.93
N GLU A 206 7.54 5.06 -21.05
CA GLU A 206 6.92 5.19 -22.37
C GLU A 206 6.86 3.86 -23.13
N LEU A 207 5.80 3.68 -23.90
CA LEU A 207 5.58 2.43 -24.62
C LEU A 207 6.33 2.40 -25.96
N VAL A 208 6.96 1.26 -26.24
CA VAL A 208 7.51 0.97 -27.57
C VAL A 208 7.19 -0.49 -27.89
N VAL A 209 6.46 -0.71 -28.99
CA VAL A 209 6.05 -2.06 -29.37
C VAL A 209 7.10 -2.72 -30.26
N HIS A 210 7.69 -3.80 -29.76
CA HIS A 210 8.66 -4.60 -30.53
C HIS A 210 7.94 -5.71 -31.30
N THR A 211 7.18 -5.33 -32.33
CA THR A 211 6.44 -6.30 -33.15
C THR A 211 7.33 -7.15 -34.04
N ASP A 212 8.60 -6.75 -34.19
CA ASP A 212 9.59 -7.63 -34.79
C ASP A 212 10.87 -7.60 -33.95
N ILE A 213 11.23 -8.76 -33.43
CA ILE A 213 12.40 -8.95 -32.56
C ILE A 213 12.49 -10.47 -32.34
N ASP A 214 13.70 -11.01 -32.18
CA ASP A 214 13.84 -12.45 -32.05
C ASP A 214 13.71 -12.87 -30.57
N ALA A 215 13.15 -14.07 -30.36
CA ALA A 215 12.81 -14.56 -29.04
C ALA A 215 13.99 -14.60 -28.06
N ALA A 216 15.19 -14.76 -28.61
CA ALA A 216 16.42 -14.77 -27.81
C ALA A 216 16.67 -13.46 -27.06
N LYS A 217 16.18 -12.34 -27.61
CA LYS A 217 16.31 -11.03 -26.97
C LYS A 217 15.15 -10.69 -26.02
N VAL A 218 14.15 -11.57 -25.93
CA VAL A 218 12.92 -11.30 -25.19
C VAL A 218 12.87 -12.07 -23.87
N TYR A 219 12.68 -11.33 -22.77
CA TYR A 219 12.51 -11.92 -21.43
C TYR A 219 11.23 -12.77 -21.38
N MET A 220 11.33 -13.94 -20.74
CA MET A 220 10.27 -14.93 -20.74
C MET A 220 9.76 -15.23 -19.33
N GLY A 221 10.16 -14.43 -18.35
CA GLY A 221 9.80 -14.66 -16.96
C GLY A 221 10.99 -14.88 -16.03
N GLU A 222 12.20 -14.84 -16.58
CA GLU A 222 13.43 -14.91 -15.77
C GLU A 222 13.70 -13.56 -15.12
N MET A 223 14.52 -13.58 -14.09
CA MET A 223 14.54 -12.50 -13.11
C MET A 223 15.73 -11.55 -13.20
N GLY A 224 16.88 -12.03 -13.69
CA GLY A 224 18.11 -11.22 -13.70
C GLY A 224 18.62 -11.02 -15.11
N ARG A 225 19.76 -11.64 -15.42
CA ARG A 225 20.27 -11.67 -16.77
C ARG A 225 19.28 -12.41 -17.68
N LEU A 226 19.22 -12.00 -18.94
CA LEU A 226 18.39 -12.66 -19.92
C LEU A 226 18.84 -14.12 -20.10
N LYS A 227 17.88 -15.03 -20.26
CA LYS A 227 18.15 -16.45 -20.51
C LYS A 227 18.78 -17.18 -19.31
N SER A 228 18.68 -16.61 -18.11
CA SER A 228 19.34 -17.20 -16.94
C SER A 228 18.64 -18.47 -16.45
N TYR A 229 17.34 -18.57 -16.72
CA TYR A 229 16.58 -19.78 -16.42
C TYR A 229 17.01 -20.94 -17.32
N GLU A 230 17.54 -20.59 -18.50
CA GLU A 230 18.12 -21.56 -19.43
C GLU A 230 19.55 -21.90 -19.01
N ASN A 231 20.39 -20.87 -18.92
CA ASN A 231 21.84 -21.03 -18.72
C ASN A 231 22.23 -21.67 -17.38
N GLN A 232 21.61 -21.18 -16.29
CA GLN A 232 21.81 -21.76 -14.96
C GLN A 232 23.28 -22.01 -14.61
N LYS A 233 23.99 -20.93 -14.29
CA LYS A 233 25.37 -21.02 -13.82
C LYS A 233 25.48 -20.51 -12.39
N PRO A 234 26.19 -21.26 -11.53
CA PRO A 234 26.36 -20.80 -10.15
C PRO A 234 27.10 -19.46 -10.08
N PRO A 235 26.95 -18.71 -8.98
CA PRO A 235 26.18 -19.07 -7.79
C PRO A 235 24.71 -18.67 -7.94
N PHE A 236 23.79 -19.52 -7.49
CA PHE A 236 22.38 -19.17 -7.51
C PHE A 236 22.01 -18.40 -6.26
N ASP A 237 21.20 -17.37 -6.41
CA ASP A 237 20.82 -16.48 -5.32
C ASP A 237 19.61 -15.64 -5.73
N ALA A 238 19.32 -14.58 -4.97
CA ALA A 238 18.17 -13.71 -5.25
C ALA A 238 18.12 -13.24 -6.71
N LYS A 239 19.27 -12.84 -7.25
CA LYS A 239 19.32 -12.28 -8.61
C LYS A 239 19.32 -13.38 -9.67
N ASN A 240 19.69 -14.59 -9.27
CA ASN A 240 19.86 -15.71 -10.20
C ASN A 240 19.37 -17.03 -9.58
N PRO A 241 18.05 -17.22 -9.49
CA PRO A 241 17.50 -18.39 -8.82
C PRO A 241 17.74 -19.72 -9.57
N PHE A 242 17.88 -20.80 -8.80
CA PHE A 242 18.00 -22.15 -9.35
C PHE A 242 16.62 -22.73 -9.62
N LEU A 243 16.44 -23.37 -10.77
CA LEU A 243 15.20 -24.05 -11.08
C LEU A 243 15.23 -25.50 -10.57
N ALA A 244 14.56 -25.69 -9.43
CA ALA A 244 14.59 -26.96 -8.71
C ALA A 244 13.36 -27.78 -9.06
N ALA A 245 13.56 -29.04 -9.42
CA ALA A 245 12.45 -29.94 -9.74
C ALA A 245 11.70 -30.32 -8.47
N VAL A 246 10.38 -30.47 -8.58
CA VAL A 246 9.57 -30.88 -7.43
C VAL A 246 9.52 -32.39 -7.38
N THR A 247 10.10 -32.93 -6.30
CA THR A 247 10.29 -34.36 -6.12
C THR A 247 9.11 -35.01 -5.42
N THR A 248 8.53 -34.29 -4.47
CA THR A 248 7.39 -34.74 -3.68
C THR A 248 6.46 -33.56 -3.49
N ASN A 249 5.17 -33.84 -3.44
CA ASN A 249 4.14 -32.84 -3.18
C ASN A 249 2.91 -33.56 -2.67
N ARG A 250 2.78 -33.65 -1.36
CA ARG A 250 1.68 -34.42 -0.75
C ARG A 250 0.90 -33.61 0.28
N LYS A 251 -0.40 -33.88 0.36
CA LYS A 251 -1.25 -33.33 1.40
C LYS A 251 -0.76 -33.85 2.75
N LEU A 252 -0.57 -32.94 3.70
CA LEU A 252 -0.08 -33.29 5.04
C LEU A 252 -1.23 -33.53 6.02
N ASN A 253 -2.40 -33.01 5.71
CA ASN A 253 -3.49 -32.92 6.69
C ASN A 253 -4.66 -33.84 6.39
N GLN A 254 -5.35 -34.24 7.45
CA GLN A 254 -6.47 -35.19 7.36
C GLN A 254 -7.74 -34.49 6.87
N GLY A 255 -7.96 -33.25 7.30
CA GLY A 255 -9.19 -32.52 7.01
C GLY A 255 -9.30 -31.91 5.61
N THR A 256 -10.48 -31.34 5.33
CA THR A 256 -10.83 -30.79 4.01
C THR A 256 -11.08 -29.28 4.00
N GLU A 257 -11.34 -28.69 5.17
CA GLU A 257 -11.38 -27.23 5.32
C GLU A 257 -10.13 -26.62 4.69
N ARG A 258 -8.96 -27.12 5.10
CA ARG A 258 -7.68 -26.57 4.66
C ARG A 258 -6.82 -27.57 3.90
N HIS A 259 -5.95 -27.04 3.04
CA HIS A 259 -4.93 -27.83 2.38
C HIS A 259 -3.56 -27.36 2.88
N LEU A 260 -2.87 -28.26 3.59
CA LEU A 260 -1.52 -28.06 4.03
C LEU A 260 -0.68 -29.08 3.29
N MET A 261 0.49 -28.68 2.81
CA MET A 261 1.26 -29.52 1.91
C MET A 261 2.74 -29.57 2.26
N HIS A 262 3.38 -30.69 1.92
CA HIS A 262 4.81 -30.89 2.08
C HIS A 262 5.43 -31.10 0.71
N LEU A 263 6.27 -30.15 0.29
CA LEU A 263 7.00 -30.26 -0.96
C LEU A 263 8.47 -30.55 -0.74
N GLU A 264 9.09 -31.19 -1.72
CA GLU A 264 10.53 -31.44 -1.69
C GLU A 264 11.15 -30.92 -2.99
N LEU A 265 12.17 -30.09 -2.85
CA LEU A 265 12.78 -29.40 -3.98
C LEU A 265 14.19 -29.91 -4.24
N ASP A 266 14.39 -30.52 -5.41
CA ASP A 266 15.68 -31.10 -5.76
C ASP A 266 16.67 -30.01 -6.16
N ILE A 267 17.71 -29.83 -5.34
CA ILE A 267 18.79 -28.88 -5.63
C ILE A 267 20.10 -29.58 -6.04
N SER A 268 19.98 -30.85 -6.43
CA SER A 268 21.13 -31.56 -7.00
C SER A 268 21.80 -30.70 -8.05
N ASP A 269 23.13 -30.65 -8.01
CA ASP A 269 23.95 -29.97 -9.01
C ASP A 269 23.79 -28.44 -9.05
N SER A 270 23.25 -27.86 -7.99
CA SER A 270 23.13 -26.39 -7.86
C SER A 270 24.31 -25.79 -7.13
N LYS A 271 24.91 -26.56 -6.22
CA LYS A 271 25.97 -26.12 -5.31
C LYS A 271 25.42 -25.22 -4.20
N ILE A 272 24.10 -25.13 -4.08
CA ILE A 272 23.47 -24.34 -3.04
C ILE A 272 23.71 -25.06 -1.71
N ARG A 273 24.13 -24.34 -0.69
CA ARG A 273 24.31 -24.90 0.66
C ARG A 273 23.25 -24.34 1.57
N TYR A 274 22.69 -25.20 2.42
CA TYR A 274 21.76 -24.75 3.44
C TYR A 274 21.96 -25.52 4.73
N GLU A 275 21.37 -24.95 5.78
CA GLU A 275 21.27 -25.62 7.06
C GLU A 275 19.82 -25.48 7.51
N SER A 276 19.40 -26.37 8.41
CA SER A 276 18.13 -26.22 9.11
C SER A 276 18.06 -24.85 9.79
N GLY A 277 16.90 -24.21 9.67
CA GLY A 277 16.68 -22.86 10.17
C GLY A 277 16.78 -21.81 9.09
N ASP A 278 17.36 -22.16 7.95
CA ASP A 278 17.40 -21.26 6.82
C ASP A 278 16.02 -21.20 6.18
N HIS A 279 15.84 -20.20 5.34
CA HIS A 279 14.62 -20.03 4.58
C HIS A 279 14.92 -20.27 3.12
N VAL A 280 13.93 -20.77 2.39
CA VAL A 280 14.02 -20.93 0.95
C VAL A 280 13.01 -19.96 0.33
N ALA A 281 13.50 -19.18 -0.63
CA ALA A 281 12.70 -18.19 -1.29
C ALA A 281 12.35 -18.71 -2.67
N VAL A 282 11.19 -18.30 -3.16
CA VAL A 282 10.57 -18.87 -4.34
C VAL A 282 9.92 -17.74 -5.15
N TYR A 283 10.18 -17.71 -6.44
CA TYR A 283 9.54 -16.75 -7.35
C TYR A 283 8.37 -17.42 -8.05
N PRO A 284 7.13 -17.11 -7.62
CA PRO A 284 6.00 -17.84 -8.15
C PRO A 284 5.52 -17.30 -9.49
N ALA A 285 4.43 -17.85 -9.98
CA ALA A 285 3.74 -17.30 -11.14
C ALA A 285 2.30 -17.02 -10.75
N ASN A 286 1.72 -15.99 -11.36
CA ASN A 286 0.31 -15.71 -11.21
C ASN A 286 -0.49 -16.73 -11.99
N ASP A 287 -1.70 -17.01 -11.51
CA ASP A 287 -2.60 -17.96 -12.17
C ASP A 287 -2.91 -17.49 -13.59
N SER A 288 -2.71 -18.36 -14.58
CA SER A 288 -2.87 -17.95 -15.98
C SER A 288 -4.32 -17.57 -16.33
N ALA A 289 -5.28 -18.27 -15.72
CA ALA A 289 -6.69 -17.93 -15.88
C ALA A 289 -6.95 -16.49 -15.42
N LEU A 290 -6.34 -16.11 -14.30
CA LEU A 290 -6.45 -14.73 -13.80
C LEU A 290 -5.85 -13.75 -14.82
N VAL A 291 -4.68 -14.08 -15.33
CA VAL A 291 -3.99 -13.24 -16.30
C VAL A 291 -4.82 -13.09 -17.58
N ASN A 292 -5.38 -14.20 -18.04
CA ASN A 292 -6.30 -14.19 -19.19
C ASN A 292 -7.49 -13.28 -18.97
N GLN A 293 -8.23 -13.52 -17.89
CA GLN A 293 -9.39 -12.70 -17.54
C GLN A 293 -9.02 -11.23 -17.55
N LEU A 294 -7.83 -10.92 -17.06
CA LEU A 294 -7.35 -9.54 -17.01
C LEU A 294 -7.18 -8.98 -18.42
N GLY A 295 -6.55 -9.76 -19.30
CA GLY A 295 -6.33 -9.33 -20.68
C GLY A 295 -7.62 -9.11 -21.45
N LYS A 296 -8.63 -9.94 -21.13
CA LYS A 296 -9.91 -9.93 -21.81
C LYS A 296 -10.77 -8.73 -21.43
N ILE A 297 -10.59 -8.21 -20.20
CA ILE A 297 -11.37 -7.07 -19.72
C ILE A 297 -10.67 -5.74 -20.06
N LEU A 298 -9.35 -5.77 -20.19
CA LEU A 298 -8.57 -4.62 -20.65
C LEU A 298 -8.71 -4.39 -22.15
N GLY A 299 -9.18 -5.39 -22.87
CA GLY A 299 -9.28 -5.33 -24.32
C GLY A 299 -7.93 -5.58 -24.99
N ALA A 300 -6.89 -5.75 -24.19
CA ALA A 300 -5.53 -5.82 -24.70
C ALA A 300 -5.17 -7.22 -25.18
N ASP A 301 -4.36 -7.28 -26.23
CA ASP A 301 -3.75 -8.53 -26.67
C ASP A 301 -2.44 -8.65 -25.92
N LEU A 302 -2.28 -9.75 -25.17
CA LEU A 302 -1.22 -9.87 -24.15
C LEU A 302 0.10 -10.42 -24.72
N ASP A 303 0.05 -10.97 -25.92
CA ASP A 303 1.24 -11.55 -26.57
C ASP A 303 2.10 -10.50 -27.26
N VAL A 304 1.58 -9.27 -27.36
CA VAL A 304 2.39 -8.12 -27.78
C VAL A 304 3.64 -7.98 -26.93
N VAL A 305 4.80 -8.27 -27.52
CA VAL A 305 6.10 -8.06 -26.87
C VAL A 305 6.38 -6.56 -26.87
N MET A 306 6.96 -6.05 -25.78
CA MET A 306 7.21 -4.60 -25.68
C MET A 306 8.21 -4.21 -24.58
N SER A 307 8.58 -2.93 -24.57
CA SER A 307 9.39 -2.36 -23.51
C SER A 307 8.75 -1.08 -22.98
N LEU A 308 8.99 -0.80 -21.71
CA LEU A 308 8.55 0.45 -21.09
C LEU A 308 9.80 1.20 -20.65
N ASN A 309 10.21 2.17 -21.46
CA ASN A 309 11.46 2.87 -21.26
C ASN A 309 11.24 4.16 -20.48
N ASN A 310 12.15 4.44 -19.55
CA ASN A 310 11.98 5.54 -18.61
C ASN A 310 12.06 6.90 -19.29
N LEU A 311 11.09 7.77 -19.00
CA LEU A 311 11.10 9.14 -19.54
C LEU A 311 12.26 9.96 -18.95
N ASP A 312 12.59 9.70 -17.69
CA ASP A 312 13.88 10.13 -17.11
C ASP A 312 15.01 9.31 -17.77
N GLU A 313 15.59 9.87 -18.83
CA GLU A 313 16.59 9.18 -19.66
C GLU A 313 17.85 8.78 -18.89
N GLU A 314 18.20 9.58 -17.88
CA GLU A 314 19.45 9.38 -17.13
C GLU A 314 19.31 8.50 -15.89
N SER A 315 18.09 8.04 -15.59
CA SER A 315 17.83 7.25 -14.38
C SER A 315 18.39 5.82 -14.45
N ASN A 316 18.51 5.19 -13.28
CA ASN A 316 19.02 3.82 -13.20
C ASN A 316 18.00 2.79 -13.71
N LYS A 317 16.78 2.81 -13.15
CA LYS A 317 15.72 1.90 -13.62
C LYS A 317 15.25 2.31 -15.02
N LYS A 318 15.77 1.63 -16.03
CA LYS A 318 15.39 1.86 -17.42
C LYS A 318 13.97 1.35 -17.67
N HIS A 319 13.61 0.28 -16.94
CA HIS A 319 12.30 -0.37 -17.07
C HIS A 319 11.69 -0.64 -15.69
N PRO A 320 10.36 -0.84 -15.64
CA PRO A 320 9.69 -1.25 -14.40
C PRO A 320 9.89 -2.73 -14.10
N PHE A 321 10.20 -3.51 -15.14
CA PHE A 321 10.49 -4.93 -15.01
C PHE A 321 11.24 -5.36 -16.26
N PRO A 322 11.86 -6.56 -16.23
CA PRO A 322 12.68 -7.00 -17.37
C PRO A 322 12.01 -6.82 -18.73
N CYS A 323 12.67 -6.07 -19.62
CA CYS A 323 12.21 -5.86 -20.99
C CYS A 323 13.34 -6.06 -21.99
N PRO A 324 13.02 -6.38 -23.25
CA PRO A 324 11.68 -6.58 -23.82
C PRO A 324 10.95 -7.83 -23.30
N THR A 325 9.65 -7.71 -23.08
CA THR A 325 8.83 -8.81 -22.61
C THR A 325 7.38 -8.59 -23.05
N SER A 326 6.59 -9.67 -23.06
CA SER A 326 5.18 -9.57 -23.39
C SER A 326 4.34 -9.17 -22.18
N TYR A 327 3.13 -8.66 -22.43
CA TYR A 327 2.20 -8.34 -21.36
C TYR A 327 1.85 -9.61 -20.61
N ARG A 328 1.59 -10.69 -21.35
CA ARG A 328 1.33 -11.99 -20.74
C ARG A 328 2.42 -12.34 -19.72
N THR A 329 3.67 -12.19 -20.13
CA THR A 329 4.82 -12.51 -19.28
C THR A 329 4.94 -11.59 -18.08
N ALA A 330 4.77 -10.28 -18.27
CA ALA A 330 4.89 -9.30 -17.18
C ALA A 330 3.85 -9.58 -16.09
N LEU A 331 2.61 -9.75 -16.54
CA LEU A 331 1.48 -10.10 -15.67
C LEU A 331 1.68 -11.43 -14.95
N THR A 332 2.23 -12.41 -15.67
CA THR A 332 2.47 -13.74 -15.13
C THR A 332 3.58 -13.75 -14.08
N TYR A 333 4.75 -13.20 -14.43
CA TYR A 333 5.96 -13.44 -13.64
C TYR A 333 6.52 -12.26 -12.86
N TYR A 334 6.28 -11.03 -13.34
CA TYR A 334 6.95 -9.84 -12.81
C TYR A 334 6.05 -8.87 -12.07
N LEU A 335 4.73 -9.05 -12.19
CA LEU A 335 3.77 -8.10 -11.66
C LEU A 335 2.87 -8.69 -10.59
N ASP A 336 2.63 -7.91 -9.56
CA ASP A 336 1.66 -8.23 -8.51
C ASP A 336 0.29 -7.74 -8.98
N ILE A 337 -0.61 -8.68 -9.18
CA ILE A 337 -1.95 -8.40 -9.69
C ILE A 337 -3.03 -8.92 -8.73
N THR A 338 -2.62 -9.43 -7.59
CA THR A 338 -3.53 -10.13 -6.68
C THR A 338 -3.80 -9.37 -5.39
N ASN A 339 -2.84 -8.54 -4.97
CA ASN A 339 -2.99 -7.77 -3.75
C ASN A 339 -3.80 -6.50 -4.00
N PRO A 340 -4.34 -5.90 -2.92
CA PRO A 340 -5.12 -4.69 -3.13
C PRO A 340 -4.24 -3.58 -3.71
N PRO A 341 -4.66 -2.96 -4.81
CA PRO A 341 -3.87 -1.84 -5.33
C PRO A 341 -3.80 -0.66 -4.37
N ARG A 342 -2.70 0.09 -4.46
CA ARG A 342 -2.47 1.22 -3.57
C ARG A 342 -3.21 2.47 -4.04
N THR A 343 -3.18 3.47 -3.16
CA THR A 343 -3.77 4.80 -3.39
C THR A 343 -3.40 5.41 -4.73
N ASN A 344 -2.09 5.43 -5.02
CA ASN A 344 -1.58 6.08 -6.22
C ASN A 344 -2.02 5.39 -7.52
N VAL A 345 -2.26 4.07 -7.47
CA VAL A 345 -2.71 3.36 -8.68
C VAL A 345 -4.20 3.55 -8.93
N LEU A 346 -4.97 3.75 -7.86
CA LEU A 346 -6.37 4.17 -8.01
C LEU A 346 -6.43 5.59 -8.57
N TYR A 347 -5.64 6.48 -7.99
CA TYR A 347 -5.56 7.86 -8.45
C TYR A 347 -5.35 7.89 -9.96
N GLU A 348 -4.28 7.23 -10.42
CA GLU A 348 -3.88 7.25 -11.83
C GLU A 348 -4.85 6.51 -12.78
N LEU A 349 -5.57 5.51 -12.29
CA LEU A 349 -6.56 4.81 -13.11
C LEU A 349 -7.89 5.56 -13.22
N ALA A 350 -8.14 6.49 -12.30
CA ALA A 350 -9.43 7.18 -12.18
C ALA A 350 -9.86 7.92 -13.45
N GLN A 351 -8.89 8.43 -14.20
CA GLN A 351 -9.17 9.07 -15.49
C GLN A 351 -9.83 8.14 -16.51
N TYR A 352 -9.56 6.84 -16.40
CA TYR A 352 -10.06 5.89 -17.39
C TYR A 352 -11.46 5.35 -17.09
N ALA A 353 -12.12 5.92 -16.08
CA ALA A 353 -13.49 5.54 -15.74
C ALA A 353 -14.48 6.49 -16.41
N SER A 354 -15.10 6.04 -17.51
CA SER A 354 -15.99 6.91 -18.31
C SER A 354 -17.27 7.27 -17.55
N GLU A 355 -17.77 6.34 -16.74
CA GLU A 355 -18.92 6.61 -15.89
C GLU A 355 -18.46 7.57 -14.80
N PRO A 356 -19.03 8.80 -14.75
CA PRO A 356 -18.57 9.83 -13.81
C PRO A 356 -18.60 9.41 -12.34
N SER A 357 -19.64 8.71 -11.92
CA SER A 357 -19.77 8.29 -10.52
C SER A 357 -18.75 7.22 -10.15
N GLU A 358 -18.30 6.43 -11.12
CA GLU A 358 -17.20 5.49 -10.92
C GLU A 358 -15.87 6.23 -10.79
N GLN A 359 -15.71 7.28 -11.58
CA GLN A 359 -14.52 8.14 -11.48
C GLN A 359 -14.49 8.90 -10.16
N GLU A 360 -15.65 9.21 -9.60
CA GLU A 360 -15.73 9.91 -8.32
C GLU A 360 -15.30 9.00 -7.19
N LEU A 361 -15.82 7.77 -7.18
CA LEU A 361 -15.38 6.71 -6.26
C LEU A 361 -13.86 6.63 -6.13
N LEU A 362 -13.20 6.48 -7.28
CA LEU A 362 -11.79 6.12 -7.31
C LEU A 362 -10.92 7.25 -6.81
N ARG A 363 -11.28 8.47 -7.21
CA ARG A 363 -10.56 9.66 -6.74
C ARG A 363 -10.79 9.85 -5.25
N LYS A 364 -12.00 9.55 -4.79
CA LYS A 364 -12.29 9.64 -3.37
C LYS A 364 -11.46 8.62 -2.59
N MET A 365 -11.42 7.38 -3.09
CA MET A 365 -10.63 6.32 -2.44
C MET A 365 -9.12 6.58 -2.55
N ALA A 366 -8.72 7.30 -3.59
CA ALA A 366 -7.34 7.76 -3.74
C ALA A 366 -7.00 8.97 -2.85
N SER A 367 -8.03 9.58 -2.23
CA SER A 367 -7.86 10.84 -1.48
C SER A 367 -7.14 10.68 -0.15
N SER A 368 -6.80 11.84 0.41
CA SER A 368 -6.29 11.96 1.76
C SER A 368 -7.42 12.15 2.80
N SER A 369 -8.67 12.26 2.33
CA SER A 369 -9.85 12.42 3.19
C SER A 369 -10.02 11.28 4.17
N GLY A 370 -10.44 11.61 5.38
CA GLY A 370 -10.83 10.59 6.36
C GLY A 370 -11.87 9.69 5.72
N GLU A 371 -12.86 10.30 5.06
CA GLU A 371 -13.93 9.60 4.36
C GLU A 371 -13.43 8.69 3.23
N GLY A 372 -12.52 9.23 2.42
CA GLY A 372 -11.94 8.50 1.31
C GLY A 372 -11.04 7.36 1.76
N LYS A 373 -10.19 7.64 2.74
CA LYS A 373 -9.27 6.64 3.29
C LYS A 373 -10.05 5.44 3.81
N GLU A 374 -11.24 5.72 4.32
CA GLU A 374 -12.06 4.75 5.01
C GLU A 374 -12.85 3.91 4.01
N LEU A 375 -13.31 4.53 2.92
CA LEU A 375 -13.94 3.80 1.83
C LEU A 375 -12.92 2.86 1.17
N TYR A 376 -11.69 3.34 1.06
CA TYR A 376 -10.59 2.55 0.53
C TYR A 376 -10.31 1.32 1.40
N LEU A 377 -10.16 1.53 2.69
CA LEU A 377 -9.82 0.44 3.60
C LEU A 377 -10.82 -0.71 3.53
N SER A 378 -12.10 -0.39 3.43
CA SER A 378 -13.13 -1.42 3.46
C SER A 378 -13.42 -2.01 2.06
N TRP A 379 -13.46 -1.15 1.04
CA TRP A 379 -13.81 -1.61 -0.31
C TRP A 379 -12.60 -2.23 -1.02
N VAL A 380 -11.45 -1.58 -0.93
CA VAL A 380 -10.24 -2.09 -1.59
C VAL A 380 -9.49 -3.08 -0.70
N VAL A 381 -9.02 -2.62 0.46
CA VAL A 381 -8.15 -3.41 1.32
C VAL A 381 -8.89 -4.55 2.02
N GLU A 382 -9.96 -4.24 2.73
CA GLU A 382 -10.68 -5.25 3.52
C GLU A 382 -11.43 -6.27 2.66
N ALA A 383 -11.97 -5.84 1.52
CA ALA A 383 -12.57 -6.76 0.57
C ALA A 383 -11.49 -7.52 -0.22
N ARG A 384 -10.21 -7.17 -0.02
CA ARG A 384 -9.10 -7.76 -0.75
C ARG A 384 -9.38 -7.74 -2.24
N ARG A 385 -9.82 -6.59 -2.73
CA ARG A 385 -10.11 -6.41 -4.15
C ARG A 385 -8.81 -6.24 -4.92
N HIS A 386 -8.48 -7.24 -5.74
CA HIS A 386 -7.39 -7.12 -6.69
C HIS A 386 -7.85 -6.30 -7.88
N ILE A 387 -6.90 -5.85 -8.69
CA ILE A 387 -7.18 -5.07 -9.89
C ILE A 387 -8.31 -5.64 -10.77
N LEU A 388 -8.31 -6.94 -11.03
CA LEU A 388 -9.38 -7.53 -11.83
C LEU A 388 -10.72 -7.22 -11.19
N ALA A 389 -10.81 -7.44 -9.88
CA ALA A 389 -12.06 -7.24 -9.13
C ALA A 389 -12.54 -5.79 -9.21
N ILE A 390 -11.60 -4.86 -9.22
CA ILE A 390 -11.92 -3.43 -9.30
C ILE A 390 -12.41 -3.10 -10.70
N LEU A 391 -11.78 -3.72 -11.70
CA LEU A 391 -12.21 -3.57 -13.10
C LEU A 391 -13.60 -4.15 -13.31
N GLN A 392 -13.83 -5.35 -12.80
CA GLN A 392 -15.12 -6.02 -12.96
C GLN A 392 -16.28 -5.24 -12.31
N ASP A 393 -16.04 -4.69 -11.12
CA ASP A 393 -17.08 -3.99 -10.37
C ASP A 393 -17.21 -2.52 -10.77
N CYS A 394 -16.19 -1.99 -11.42
CA CYS A 394 -16.30 -0.69 -12.09
C CYS A 394 -16.14 -0.90 -13.59
N PRO A 395 -17.20 -1.40 -14.27
CA PRO A 395 -17.12 -1.80 -15.68
C PRO A 395 -16.75 -0.69 -16.66
N SER A 396 -16.89 0.57 -16.25
CA SER A 396 -16.53 1.70 -17.10
C SER A 396 -15.08 2.14 -16.93
N LEU A 397 -14.37 1.53 -15.98
CA LEU A 397 -12.94 1.74 -15.82
C LEU A 397 -12.21 0.87 -16.83
N ARG A 398 -11.72 1.49 -17.90
CA ARG A 398 -11.04 0.77 -19.00
C ARG A 398 -9.73 1.46 -19.34
N PRO A 399 -8.65 1.15 -18.59
CA PRO A 399 -7.35 1.72 -18.90
C PRO A 399 -6.61 0.95 -20.01
N PRO A 400 -5.50 1.53 -20.50
CA PRO A 400 -4.60 0.83 -21.40
C PRO A 400 -3.61 -0.05 -20.62
N ILE A 401 -3.44 -1.29 -21.07
CA ILE A 401 -2.61 -2.28 -20.38
C ILE A 401 -1.24 -1.69 -19.96
N ASP A 402 -0.63 -0.92 -20.86
CA ASP A 402 0.72 -0.41 -20.63
C ASP A 402 0.81 0.60 -19.49
N HIS A 403 -0.24 1.37 -19.25
CA HIS A 403 -0.24 2.27 -18.08
C HIS A 403 -0.41 1.44 -16.80
N LEU A 404 -1.24 0.40 -16.87
CA LEU A 404 -1.47 -0.46 -15.73
C LEU A 404 -0.18 -1.17 -15.29
N CYS A 405 0.49 -1.84 -16.24
CA CYS A 405 1.75 -2.54 -15.99
C CYS A 405 2.82 -1.63 -15.37
N GLU A 406 2.78 -0.35 -15.72
CA GLU A 406 3.69 0.61 -15.11
C GLU A 406 3.38 0.82 -13.63
N LEU A 407 2.09 0.76 -13.26
CA LEU A 407 1.64 1.16 -11.92
C LEU A 407 1.60 0.04 -10.90
N LEU A 408 1.40 -1.19 -11.38
CA LEU A 408 1.32 -2.36 -10.51
C LEU A 408 2.64 -2.64 -9.82
N PRO A 409 2.60 -3.10 -8.56
CA PRO A 409 3.87 -3.35 -7.89
C PRO A 409 4.55 -4.62 -8.42
N ARG A 410 5.84 -4.78 -8.09
CA ARG A 410 6.59 -5.95 -8.53
C ARG A 410 6.17 -7.19 -7.76
N LEU A 411 6.13 -8.32 -8.47
CA LEU A 411 5.85 -9.62 -7.85
C LEU A 411 7.06 -10.02 -7.01
N GLN A 412 6.84 -10.17 -5.71
CA GLN A 412 7.92 -10.47 -4.78
C GLN A 412 8.12 -11.98 -4.64
N ALA A 413 9.33 -12.35 -4.21
CA ALA A 413 9.61 -13.71 -3.83
C ALA A 413 8.87 -14.03 -2.53
N ARG A 414 8.63 -15.31 -2.30
CA ARG A 414 7.95 -15.76 -1.08
C ARG A 414 8.83 -16.74 -0.33
N TYR A 415 8.86 -16.59 1.00
CA TYR A 415 9.80 -17.31 1.86
C TYR A 415 9.13 -18.42 2.67
N TYR A 416 9.88 -19.50 2.88
CA TYR A 416 9.43 -20.67 3.59
C TYR A 416 10.57 -21.19 4.45
N SER A 417 10.24 -21.64 5.66
CA SER A 417 11.24 -22.17 6.55
C SER A 417 11.57 -23.60 6.13
N ILE A 418 12.78 -23.79 5.61
CA ILE A 418 13.21 -25.11 5.13
C ILE A 418 12.89 -26.15 6.21
N ALA A 419 12.22 -27.24 5.83
CA ALA A 419 11.76 -28.25 6.80
C ALA A 419 12.55 -29.56 6.67
N SER A 420 13.81 -29.44 6.28
CA SER A 420 14.72 -30.57 6.14
C SER A 420 16.07 -30.20 6.71
N SER A 421 16.83 -31.19 7.14
CA SER A 421 18.23 -30.99 7.52
C SER A 421 19.11 -31.29 6.32
N SER A 422 20.08 -30.43 6.06
CA SER A 422 21.05 -30.64 5.00
C SER A 422 21.94 -31.88 5.26
N LYS A 423 22.00 -32.33 6.51
CA LYS A 423 22.77 -33.51 6.87
C LYS A 423 22.11 -34.84 6.49
N VAL A 424 20.79 -34.85 6.33
CA VAL A 424 20.10 -36.02 5.76
C VAL A 424 19.58 -35.76 4.34
N HIS A 425 19.38 -34.48 4.01
CA HIS A 425 18.89 -34.07 2.70
C HIS A 425 19.77 -32.93 2.12
N PRO A 426 21.06 -33.22 1.85
CA PRO A 426 21.98 -32.22 1.30
C PRO A 426 21.55 -31.65 -0.05
N ASN A 427 20.97 -32.50 -0.90
CA ASN A 427 20.56 -32.09 -2.24
C ASN A 427 19.04 -31.97 -2.37
N SER A 428 18.34 -31.80 -1.26
CA SER A 428 16.89 -31.63 -1.27
C SER A 428 16.46 -30.61 -0.19
N VAL A 429 15.60 -29.67 -0.57
CA VAL A 429 15.06 -28.64 0.35
C VAL A 429 13.55 -28.81 0.55
N HIS A 430 13.11 -29.01 1.78
CA HIS A 430 11.69 -29.30 2.03
C HIS A 430 10.90 -28.06 2.51
N ILE A 431 9.67 -27.95 2.04
CA ILE A 431 8.78 -26.84 2.37
C ILE A 431 7.49 -27.38 2.98
N CYS A 432 7.01 -26.70 4.02
CA CYS A 432 5.77 -27.03 4.69
C CYS A 432 4.91 -25.78 4.67
N ALA A 433 3.75 -25.85 4.02
CA ALA A 433 2.93 -24.65 3.84
C ALA A 433 1.44 -24.95 3.80
N VAL A 434 0.67 -24.00 4.30
CA VAL A 434 -0.78 -24.01 4.18
C VAL A 434 -1.16 -23.21 2.94
N VAL A 435 -2.04 -23.77 2.10
CA VAL A 435 -2.52 -23.04 0.92
C VAL A 435 -3.48 -21.91 1.33
N VAL A 436 -3.24 -20.72 0.80
CA VAL A 436 -4.09 -19.57 1.07
C VAL A 436 -5.23 -19.53 0.05
N GLU A 437 -6.44 -19.75 0.55
CA GLU A 437 -7.62 -19.86 -0.28
C GLU A 437 -8.82 -19.51 0.59
N TYR A 438 -9.48 -18.39 0.29
CA TYR A 438 -10.51 -17.84 1.17
C TYR A 438 -11.54 -17.00 0.42
N GLU A 439 -12.76 -16.93 0.95
CA GLU A 439 -13.79 -16.07 0.41
C GLU A 439 -13.70 -14.66 0.98
N THR A 440 -13.95 -13.67 0.14
CA THR A 440 -13.95 -12.26 0.51
C THR A 440 -15.34 -11.80 0.93
N LYS A 441 -15.42 -10.60 1.50
CA LYS A 441 -16.70 -9.96 1.84
C LYS A 441 -17.58 -9.90 0.61
N ALA A 442 -16.93 -9.61 -0.53
CA ALA A 442 -17.62 -9.44 -1.81
C ALA A 442 -17.84 -10.77 -2.54
N GLY A 443 -17.90 -11.88 -1.82
CA GLY A 443 -18.26 -13.17 -2.41
C GLY A 443 -17.24 -13.82 -3.34
N ARG A 444 -16.12 -13.16 -3.61
CA ARG A 444 -15.07 -13.74 -4.44
C ARG A 444 -14.25 -14.76 -3.65
N ILE A 445 -13.64 -15.71 -4.36
CA ILE A 445 -12.63 -16.57 -3.77
C ILE A 445 -11.24 -16.09 -4.21
N ASN A 446 -10.42 -15.68 -3.23
CA ASN A 446 -9.04 -15.24 -3.49
C ASN A 446 -8.11 -16.41 -3.31
N LYS A 447 -7.06 -16.46 -4.15
CA LYS A 447 -6.06 -17.53 -4.10
C LYS A 447 -4.69 -16.93 -3.89
N GLY A 448 -4.00 -17.35 -2.83
CA GLY A 448 -2.63 -16.92 -2.57
C GLY A 448 -1.71 -17.44 -3.66
N VAL A 449 -0.85 -16.56 -4.17
CA VAL A 449 -0.14 -16.81 -5.41
C VAL A 449 0.77 -18.02 -5.30
N ALA A 450 1.79 -17.92 -4.44
CA ALA A 450 2.86 -18.92 -4.39
C ALA A 450 2.36 -20.30 -3.98
N THR A 451 1.42 -20.34 -3.06
CA THR A 451 1.00 -21.60 -2.47
C THR A 451 0.07 -22.40 -3.39
N ASN A 452 -0.80 -21.72 -4.13
CA ASN A 452 -1.61 -22.40 -5.15
C ASN A 452 -0.78 -22.82 -6.36
N TRP A 453 0.22 -22.00 -6.69
CA TRP A 453 1.20 -22.30 -7.72
C TRP A 453 2.01 -23.54 -7.33
N LEU A 454 2.56 -23.52 -6.11
CA LEU A 454 3.31 -24.67 -5.60
C LEU A 454 2.46 -25.94 -5.56
N ARG A 455 1.23 -25.80 -5.11
CA ARG A 455 0.27 -26.91 -5.05
C ARG A 455 0.01 -27.55 -6.44
N ALA A 456 -0.01 -26.73 -7.49
CA ALA A 456 -0.27 -27.22 -8.84
C ALA A 456 0.93 -27.90 -9.46
N LYS A 457 2.11 -27.73 -8.85
CA LYS A 457 3.31 -28.40 -9.29
C LYS A 457 3.21 -29.90 -9.03
N GLU A 458 3.04 -30.66 -10.11
CA GLU A 458 2.98 -32.13 -10.05
C GLU A 458 4.37 -32.70 -10.29
N PRO A 459 4.82 -33.62 -9.43
CA PRO A 459 6.06 -34.34 -9.73
C PRO A 459 6.08 -35.20 -11.02
N ALA A 460 4.97 -35.30 -11.76
CA ALA A 460 4.96 -36.05 -13.03
C ALA A 460 4.05 -35.40 -14.07
N ARG A 466 9.43 -32.05 -16.52
CA ARG A 466 9.68 -31.71 -15.11
C ARG A 466 8.90 -30.46 -14.67
N ALA A 467 8.58 -30.38 -13.38
CA ALA A 467 7.92 -29.21 -12.80
C ALA A 467 8.96 -28.45 -11.97
N LEU A 468 9.30 -27.24 -12.39
CA LEU A 468 10.44 -26.51 -11.85
C LEU A 468 10.00 -25.30 -11.07
N VAL A 469 10.67 -25.06 -9.95
CA VAL A 469 10.41 -23.92 -9.09
C VAL A 469 11.66 -23.05 -8.98
N PRO A 470 11.60 -21.81 -9.48
CA PRO A 470 12.72 -20.92 -9.26
C PRO A 470 12.86 -20.63 -7.77
N MET A 471 14.06 -20.78 -7.23
CA MET A 471 14.29 -20.63 -5.80
C MET A 471 15.71 -20.20 -5.46
N PHE A 472 15.90 -19.84 -4.19
CA PHE A 472 17.22 -19.57 -3.65
C PHE A 472 17.14 -19.62 -2.13
N VAL A 473 18.29 -19.65 -1.46
CA VAL A 473 18.36 -19.83 -0.03
C VAL A 473 18.92 -18.59 0.63
N ARG A 474 18.24 -18.05 1.65
CA ARG A 474 18.88 -17.01 2.44
C ARG A 474 19.20 -17.51 3.83
N LYS A 475 20.47 -17.35 4.20
CA LYS A 475 20.96 -17.78 5.50
C LYS A 475 20.29 -16.98 6.60
N SER A 476 19.95 -17.67 7.69
CA SER A 476 19.48 -17.04 8.91
C SER A 476 20.44 -17.43 10.04
N GLN A 477 20.15 -16.97 11.26
CA GLN A 477 20.99 -17.26 12.43
C GLN A 477 20.25 -18.23 13.36
N PHE A 478 19.21 -18.87 12.82
CA PHE A 478 18.34 -19.81 13.51
C PHE A 478 18.97 -21.20 13.36
N ARG A 479 19.66 -21.67 14.38
CA ARG A 479 20.46 -22.87 14.28
C ARG A 479 20.29 -23.78 15.46
N LEU A 480 20.36 -25.09 15.22
CA LEU A 480 20.53 -26.04 16.32
C LEU A 480 21.86 -25.70 17.02
N PRO A 481 22.00 -26.10 18.29
CA PRO A 481 23.31 -25.90 18.90
C PRO A 481 24.33 -26.82 18.23
N PHE A 482 25.53 -26.29 18.00
CA PHE A 482 26.59 -27.09 17.38
C PHE A 482 27.16 -28.08 18.39
N LYS A 483 27.01 -27.77 19.67
CA LYS A 483 27.38 -28.72 20.72
C LYS A 483 26.19 -29.64 20.98
N ALA A 484 26.31 -30.88 20.52
CA ALA A 484 25.19 -31.84 20.47
C ALA A 484 24.50 -32.08 21.80
N THR A 485 25.26 -32.03 22.88
CA THR A 485 24.74 -32.32 24.22
C THR A 485 23.76 -31.25 24.72
N THR A 486 23.73 -30.09 24.09
CA THR A 486 22.89 -28.99 24.55
C THR A 486 21.40 -29.29 24.33
N PRO A 487 20.58 -29.17 25.39
CA PRO A 487 19.12 -29.35 25.23
C PRO A 487 18.48 -28.33 24.29
N VAL A 488 17.44 -28.72 23.56
CA VAL A 488 16.70 -27.77 22.72
C VAL A 488 15.20 -27.79 23.04
N ILE A 489 14.60 -26.60 23.10
CA ILE A 489 13.19 -26.43 23.39
C ILE A 489 12.58 -25.72 22.20
N MET A 490 11.75 -26.44 21.43
CA MET A 490 11.14 -25.89 20.23
C MET A 490 9.65 -25.64 20.44
N VAL A 491 9.21 -24.40 20.19
CA VAL A 491 7.80 -24.03 20.27
C VAL A 491 7.33 -23.60 18.88
N GLY A 492 6.50 -24.44 18.26
CA GLY A 492 6.10 -24.21 16.86
C GLY A 492 4.69 -24.68 16.52
N PRO A 493 3.67 -23.91 16.95
CA PRO A 493 2.29 -24.26 16.61
C PRO A 493 1.97 -24.17 15.11
N GLY A 494 1.05 -25.01 14.65
CA GLY A 494 0.59 -25.01 13.26
C GLY A 494 1.69 -25.29 12.25
N THR A 495 1.75 -24.47 11.21
CA THR A 495 2.78 -24.56 10.18
C THR A 495 4.17 -24.23 10.72
N GLY A 496 4.23 -23.59 11.88
CA GLY A 496 5.49 -23.24 12.54
C GLY A 496 6.30 -24.42 13.07
N VAL A 497 5.75 -25.63 12.96
CA VAL A 497 6.54 -26.84 13.19
C VAL A 497 7.64 -27.01 12.12
N ALA A 498 7.42 -26.36 10.97
CA ALA A 498 8.27 -26.48 9.78
C ALA A 498 9.77 -26.63 10.06
N PRO A 499 10.40 -25.58 10.63
CA PRO A 499 11.84 -25.67 10.82
C PRO A 499 12.25 -26.82 11.75
N PHE A 500 11.38 -27.13 12.70
CA PHE A 500 11.68 -28.13 13.70
C PHE A 500 11.66 -29.55 13.14
N ILE A 501 10.92 -29.78 12.06
CA ILE A 501 10.96 -31.07 11.38
C ILE A 501 12.41 -31.37 11.00
N GLY A 502 13.08 -30.40 10.40
CA GLY A 502 14.50 -30.53 10.07
C GLY A 502 15.40 -30.60 11.29
N PHE A 503 15.12 -29.81 12.32
CA PHE A 503 15.88 -29.90 13.58
C PHE A 503 15.87 -31.33 14.11
N ILE A 504 14.69 -31.96 14.09
CA ILE A 504 14.51 -33.32 14.60
C ILE A 504 15.19 -34.38 13.70
N GLN A 505 15.01 -34.29 12.39
CA GLN A 505 15.80 -35.11 11.46
C GLN A 505 17.28 -35.02 11.80
N GLU A 506 17.73 -33.79 12.05
CA GLU A 506 19.15 -33.54 12.27
C GLU A 506 19.62 -34.14 13.57
N ARG A 507 18.83 -33.98 14.63
CA ARG A 507 19.20 -34.50 15.92
C ARG A 507 19.21 -36.02 15.94
N ALA A 508 18.20 -36.61 15.32
CA ALA A 508 18.16 -38.05 15.08
C ALA A 508 19.43 -38.48 14.38
N TRP A 509 19.79 -37.77 13.32
CA TRP A 509 21.02 -38.05 12.57
C TRP A 509 22.27 -38.03 13.45
N LEU A 510 22.36 -37.05 14.34
CA LEU A 510 23.51 -36.94 15.25
C LEU A 510 23.58 -38.16 16.17
N ARG A 511 22.43 -38.62 16.68
CA ARG A 511 22.36 -39.85 17.48
C ARG A 511 22.75 -41.09 16.66
N GLN A 512 22.30 -41.16 15.41
CA GLN A 512 22.66 -42.25 14.51
C GLN A 512 24.18 -42.29 14.23
N GLN A 513 24.86 -41.15 14.38
CA GLN A 513 26.30 -41.05 14.15
C GLN A 513 27.16 -41.29 15.40
N GLY A 514 26.55 -41.68 16.51
CA GLY A 514 27.28 -41.98 17.74
C GLY A 514 27.42 -40.82 18.72
N LYS A 515 26.94 -39.64 18.34
CA LYS A 515 26.96 -38.48 19.25
C LYS A 515 25.90 -38.62 20.33
N GLU A 516 26.24 -38.15 21.53
CA GLU A 516 25.28 -38.00 22.59
C GLU A 516 24.55 -36.69 22.35
N VAL A 517 23.23 -36.76 22.33
CA VAL A 517 22.39 -35.60 22.09
C VAL A 517 21.57 -35.31 23.33
N GLY A 518 21.48 -34.03 23.68
CA GLY A 518 20.66 -33.61 24.82
C GLY A 518 19.19 -33.76 24.52
N GLU A 519 18.35 -33.49 25.51
CA GLU A 519 16.91 -33.53 25.32
C GLU A 519 16.44 -32.65 24.15
N THR A 520 15.44 -33.12 23.44
CA THR A 520 14.87 -32.42 22.29
C THR A 520 13.35 -32.36 22.46
N LEU A 521 12.85 -31.24 22.98
CA LEU A 521 11.43 -31.07 23.28
C LEU A 521 10.73 -30.23 22.22
N LEU A 522 9.67 -30.79 21.64
CA LEU A 522 8.79 -30.04 20.74
C LEU A 522 7.49 -29.67 21.45
N TYR A 523 7.11 -28.40 21.39
CA TYR A 523 5.80 -27.95 21.83
C TYR A 523 5.00 -27.56 20.60
N TYR A 524 4.20 -28.49 20.10
CA TYR A 524 3.45 -28.34 18.87
C TYR A 524 2.00 -27.99 19.21
N GLY A 525 1.28 -27.46 18.24
CA GLY A 525 -0.13 -27.14 18.43
C GLY A 525 -0.91 -27.25 17.14
N CYS A 526 -2.18 -27.61 17.27
CA CYS A 526 -3.12 -27.59 16.16
C CYS A 526 -4.55 -27.57 16.70
N ARG A 527 -5.52 -27.62 15.79
CA ARG A 527 -6.93 -27.62 16.18
C ARG A 527 -7.39 -29.00 16.65
N ARG A 528 -6.95 -30.03 15.94
CA ARG A 528 -7.49 -31.38 16.13
C ARG A 528 -6.53 -32.44 15.59
N SER A 529 -6.53 -33.62 16.21
CA SER A 529 -5.64 -34.70 15.80
C SER A 529 -6.04 -35.36 14.47
N ASP A 530 -7.35 -35.36 14.17
CA ASP A 530 -7.87 -35.96 12.93
C ASP A 530 -8.31 -34.90 11.91
N GLU A 531 -7.70 -33.71 11.98
CA GLU A 531 -8.01 -32.61 11.07
C GLU A 531 -6.74 -32.00 10.50
N ASP A 532 -5.84 -31.57 11.40
CA ASP A 532 -4.64 -30.82 11.02
C ASP A 532 -3.47 -31.10 11.97
N TYR A 533 -3.16 -32.38 12.15
CA TYR A 533 -1.94 -32.79 12.84
C TYR A 533 -0.86 -32.99 11.78
N LEU A 534 0.04 -32.01 11.67
CA LEU A 534 1.11 -32.05 10.69
C LEU A 534 2.17 -33.06 11.11
N TYR A 535 2.60 -33.88 10.16
CA TYR A 535 3.62 -34.90 10.39
C TYR A 535 3.32 -35.81 11.59
N ARG A 536 2.14 -36.42 11.60
CA ARG A 536 1.73 -37.29 12.71
C ARG A 536 2.59 -38.55 12.76
N GLU A 537 2.87 -39.10 11.58
CA GLU A 537 3.65 -40.34 11.47
C GLU A 537 5.09 -40.09 11.88
N GLU A 538 5.71 -39.10 11.23
CA GLU A 538 7.13 -38.80 11.39
C GLU A 538 7.49 -38.43 12.83
N LEU A 539 6.64 -37.62 13.45
CA LEU A 539 6.90 -37.17 14.82
C LEU A 539 6.73 -38.31 15.82
N ALA A 540 5.70 -39.13 15.62
CA ALA A 540 5.51 -40.33 16.42
C ALA A 540 6.72 -41.24 16.31
N GLN A 541 7.20 -41.44 15.09
CA GLN A 541 8.35 -42.32 14.82
C GLN A 541 9.66 -41.77 15.36
N PHE A 542 9.89 -40.46 15.21
CA PHE A 542 11.07 -39.81 15.81
C PHE A 542 11.03 -39.93 17.33
N HIS A 543 9.82 -39.89 17.89
CA HIS A 543 9.62 -40.09 19.32
C HIS A 543 9.91 -41.54 19.71
N ARG A 544 9.39 -42.49 18.92
CA ARG A 544 9.68 -43.92 19.08
C ARG A 544 11.17 -44.21 19.10
N ASP A 545 11.89 -43.63 18.14
CA ASP A 545 13.33 -43.85 18.02
C ASP A 545 14.14 -43.04 19.04
N GLY A 546 13.46 -42.23 19.85
CA GLY A 546 14.10 -41.45 20.91
C GLY A 546 14.77 -40.19 20.42
N ALA A 547 14.57 -39.88 19.14
CA ALA A 547 15.15 -38.69 18.52
C ALA A 547 14.47 -37.46 19.11
N LEU A 548 13.15 -37.55 19.24
CA LEU A 548 12.35 -36.55 19.93
C LEU A 548 12.08 -37.08 21.33
N THR A 549 12.65 -36.40 22.33
CA THR A 549 12.52 -36.81 23.73
C THR A 549 11.09 -36.62 24.24
N GLN A 550 10.40 -35.61 23.72
CA GLN A 550 9.03 -35.33 24.13
C GLN A 550 8.26 -34.67 23.00
N LEU A 551 7.11 -35.23 22.66
CA LEU A 551 6.17 -34.57 21.76
C LEU A 551 4.99 -34.04 22.57
N ASN A 552 5.00 -32.74 22.81
CA ASN A 552 3.92 -32.09 23.54
C ASN A 552 2.99 -31.37 22.55
N VAL A 553 1.82 -31.96 22.31
CA VAL A 553 0.82 -31.33 21.44
C VAL A 553 -0.32 -30.69 22.25
N ALA A 554 -0.65 -29.45 21.93
CA ALA A 554 -1.78 -28.76 22.52
C ALA A 554 -2.84 -28.54 21.47
N PHE A 555 -3.81 -29.46 21.40
CA PHE A 555 -4.93 -29.33 20.47
C PHE A 555 -5.92 -28.34 21.08
N SER A 556 -6.22 -27.27 20.36
CA SER A 556 -7.09 -26.21 20.90
C SER A 556 -8.55 -26.66 20.99
N ARG A 557 -9.09 -27.13 19.86
CA ARG A 557 -10.47 -27.63 19.80
C ARG A 557 -10.53 -29.08 20.28
N HIS A 561 -10.61 -27.59 25.25
CA HIS A 561 -11.11 -26.21 25.30
C HIS A 561 -9.95 -25.19 25.32
N LYS A 562 -9.68 -24.59 24.15
CA LYS A 562 -8.66 -23.55 24.02
C LYS A 562 -7.34 -23.90 24.74
N VAL A 563 -6.85 -25.12 24.52
CA VAL A 563 -5.54 -25.54 25.03
C VAL A 563 -4.44 -25.15 24.03
N TYR A 564 -3.86 -23.97 24.25
CA TYR A 564 -2.69 -23.52 23.48
C TYR A 564 -1.37 -23.96 24.11
N VAL A 565 -0.28 -23.79 23.36
CA VAL A 565 1.05 -24.21 23.82
C VAL A 565 1.53 -23.52 25.10
N GLN A 566 1.07 -22.30 25.36
CA GLN A 566 1.44 -21.56 26.58
C GLN A 566 1.23 -22.37 27.86
N HIS A 567 0.11 -23.09 27.90
CA HIS A 567 -0.27 -23.88 29.07
C HIS A 567 0.61 -25.13 29.21
N LEU A 568 1.02 -25.69 28.08
CA LEU A 568 1.94 -26.83 28.09
C LEU A 568 3.32 -26.40 28.60
N LEU A 569 3.73 -25.19 28.25
CA LEU A 569 4.99 -24.62 28.76
C LEU A 569 4.93 -24.37 30.27
N LYS A 570 3.83 -23.75 30.71
CA LYS A 570 3.58 -23.53 32.14
C LYS A 570 3.45 -24.86 32.90
N GLN A 571 2.71 -25.80 32.31
CA GLN A 571 2.59 -27.14 32.88
C GLN A 571 3.96 -27.74 33.16
N ASP A 572 4.82 -27.78 32.14
CA ASP A 572 6.15 -28.38 32.25
C ASP A 572 7.22 -27.43 32.81
N ARG A 573 6.80 -26.37 33.50
CA ARG A 573 7.73 -25.30 33.89
C ARG A 573 8.93 -25.76 34.71
N GLU A 574 8.69 -26.64 35.67
CA GLU A 574 9.76 -27.16 36.54
C GLU A 574 10.91 -27.78 35.73
N HIS A 575 10.55 -28.64 34.78
CA HIS A 575 11.52 -29.29 33.91
C HIS A 575 12.21 -28.32 32.94
N LEU A 576 11.45 -27.38 32.37
CA LEU A 576 12.00 -26.40 31.43
C LEU A 576 13.06 -25.50 32.06
N TRP A 577 12.89 -25.15 33.34
CA TRP A 577 13.85 -24.33 34.07
C TRP A 577 15.20 -25.04 34.28
N LYS A 578 15.17 -26.35 34.55
CA LYS A 578 16.40 -27.14 34.65
C LYS A 578 17.15 -27.07 33.33
N LEU A 579 16.46 -27.42 32.26
CA LEU A 579 17.01 -27.37 30.91
C LEU A 579 17.61 -25.98 30.61
N ILE A 580 16.82 -24.93 30.79
CA ILE A 580 17.29 -23.56 30.56
C ILE A 580 18.56 -23.31 31.36
N GLU A 581 18.48 -23.55 32.67
CA GLU A 581 19.63 -23.40 33.57
C GLU A 581 20.83 -24.24 33.13
N GLY A 582 20.55 -25.35 32.47
CA GLY A 582 21.60 -26.22 31.93
C GLY A 582 22.11 -25.82 30.56
N GLY A 583 21.79 -24.61 30.12
CA GLY A 583 22.29 -24.08 28.85
C GLY A 583 21.46 -24.42 27.61
N ALA A 584 20.18 -24.73 27.79
CA ALA A 584 19.31 -25.11 26.67
C ALA A 584 19.09 -23.95 25.73
N HIS A 585 18.72 -24.27 24.49
CA HIS A 585 18.39 -23.28 23.47
C HIS A 585 16.91 -23.30 23.24
N ILE A 586 16.31 -22.13 23.15
CA ILE A 586 14.87 -22.02 22.93
C ILE A 586 14.61 -21.51 21.51
N TYR A 587 13.59 -22.04 20.86
CA TYR A 587 13.24 -21.65 19.50
C TYR A 587 11.74 -21.46 19.39
N VAL A 588 11.32 -20.34 18.82
CA VAL A 588 9.92 -20.03 18.63
C VAL A 588 9.68 -19.76 17.16
N CYS A 589 8.74 -20.48 16.57
CA CYS A 589 8.43 -20.31 15.15
C CYS A 589 6.94 -20.27 14.90
N GLY A 590 6.53 -19.51 13.90
CA GLY A 590 5.11 -19.46 13.51
C GLY A 590 4.65 -18.20 12.78
N ASP A 591 3.41 -18.23 12.31
CA ASP A 591 2.84 -17.12 11.57
C ASP A 591 2.51 -15.91 12.46
N ALA A 592 2.10 -16.17 13.70
CA ALA A 592 1.50 -15.12 14.54
C ALA A 592 2.47 -14.50 15.55
N ARG A 593 2.65 -13.18 15.43
CA ARG A 593 3.42 -12.37 16.38
C ARG A 593 2.93 -12.53 17.83
N ASN A 594 1.62 -12.67 18.01
CA ASN A 594 1.03 -12.78 19.35
C ASN A 594 1.39 -14.05 20.08
N MET A 595 1.42 -15.16 19.34
CA MET A 595 1.80 -16.45 19.90
C MET A 595 3.25 -16.35 20.40
N ALA A 596 4.14 -15.84 19.55
CA ALA A 596 5.51 -15.55 19.96
C ALA A 596 5.55 -14.70 21.24
N ARG A 597 4.66 -13.71 21.35
CA ARG A 597 4.63 -12.79 22.48
C ARG A 597 4.10 -13.47 23.74
N ASP A 598 3.06 -14.28 23.56
CA ASP A 598 2.50 -15.07 24.65
C ASP A 598 3.51 -16.11 25.15
N VAL A 599 4.22 -16.74 24.22
CA VAL A 599 5.25 -17.73 24.57
C VAL A 599 6.38 -17.06 25.35
N GLN A 600 6.83 -15.91 24.87
CA GLN A 600 7.85 -15.14 25.60
C GLN A 600 7.37 -14.74 27.00
N ASN A 601 6.13 -14.25 27.11
CA ASN A 601 5.55 -13.93 28.41
C ASN A 601 5.51 -15.15 29.34
N THR A 602 5.14 -16.32 28.79
CA THR A 602 5.10 -17.55 29.58
C THR A 602 6.49 -17.89 30.12
N PHE A 603 7.51 -17.80 29.28
CA PHE A 603 8.89 -17.98 29.72
C PHE A 603 9.33 -16.94 30.75
N TYR A 604 8.84 -15.70 30.61
CA TYR A 604 9.12 -14.67 31.60
C TYR A 604 8.64 -15.09 32.98
N ASP A 605 7.41 -15.60 33.06
CA ASP A 605 6.86 -16.07 34.33
C ASP A 605 7.61 -17.29 34.91
N ILE A 606 8.02 -18.20 34.03
CA ILE A 606 8.75 -19.40 34.49
C ILE A 606 10.07 -19.02 35.15
N VAL A 607 10.82 -18.12 34.51
CA VAL A 607 12.07 -17.65 35.08
C VAL A 607 11.81 -16.87 36.37
N ALA A 608 10.72 -16.11 36.40
CA ALA A 608 10.33 -15.34 37.58
C ALA A 608 10.10 -16.25 38.78
N GLU A 609 9.21 -17.23 38.61
CA GLU A 609 8.86 -18.17 39.68
C GLU A 609 10.03 -19.07 40.07
N LEU A 610 10.48 -19.92 39.14
CA LEU A 610 11.46 -20.95 39.45
C LEU A 610 12.87 -20.42 39.72
N GLY A 611 13.21 -19.28 39.11
CA GLY A 611 14.49 -18.62 39.36
C GLY A 611 14.45 -17.73 40.59
N ALA A 612 13.24 -17.42 41.07
CA ALA A 612 13.06 -16.60 42.27
C ALA A 612 13.60 -15.19 42.07
N MET A 613 13.13 -14.52 41.02
CA MET A 613 13.59 -13.17 40.68
C MET A 613 12.43 -12.27 40.30
N GLU A 614 12.68 -10.97 40.26
CA GLU A 614 11.64 -10.00 39.88
C GLU A 614 11.35 -10.13 38.39
N HIS A 615 10.12 -9.83 38.00
CA HIS A 615 9.71 -9.97 36.61
C HIS A 615 10.69 -9.25 35.70
N ALA A 616 11.12 -8.05 36.12
CA ALA A 616 12.06 -7.23 35.34
C ALA A 616 13.39 -7.94 35.14
N GLN A 617 13.86 -8.65 36.16
CA GLN A 617 15.07 -9.47 36.05
C GLN A 617 14.83 -10.67 35.12
N ALA A 618 13.62 -11.24 35.19
CA ALA A 618 13.23 -12.35 34.32
C ALA A 618 13.35 -11.97 32.84
N VAL A 619 12.74 -10.85 32.46
CA VAL A 619 12.82 -10.36 31.08
C VAL A 619 14.28 -10.12 30.65
N ASP A 620 15.09 -9.59 31.56
CA ASP A 620 16.50 -9.32 31.30
C ASP A 620 17.35 -10.60 31.17
N TYR A 621 16.91 -11.67 31.84
CA TYR A 621 17.54 -12.99 31.72
C TYR A 621 17.28 -13.53 30.32
N ILE A 622 16.01 -13.55 29.92
CA ILE A 622 15.64 -14.00 28.58
C ILE A 622 16.30 -13.13 27.51
N LYS A 623 16.46 -11.84 27.79
CA LYS A 623 17.25 -10.95 26.95
C LYS A 623 18.67 -11.47 26.77
N LYS A 624 19.31 -11.84 27.89
CA LYS A 624 20.69 -12.39 27.88
C LYS A 624 20.76 -13.62 27.00
N LEU A 625 19.79 -14.51 27.14
CA LEU A 625 19.68 -15.68 26.28
C LEU A 625 19.70 -15.29 24.82
N MET A 626 18.88 -14.29 24.46
CA MET A 626 18.78 -13.84 23.06
C MET A 626 20.11 -13.35 22.56
N THR A 627 20.80 -12.57 23.38
CA THR A 627 22.11 -12.05 23.02
C THR A 627 23.13 -13.17 22.81
N LYS A 628 23.10 -14.17 23.70
CA LYS A 628 23.98 -15.34 23.56
C LYS A 628 23.56 -16.26 22.40
N GLY A 629 22.36 -16.04 21.83
CA GLY A 629 21.87 -16.85 20.74
C GLY A 629 21.22 -18.13 21.24
N ARG A 630 20.66 -18.07 22.45
CA ARG A 630 20.00 -19.21 23.07
C ARG A 630 18.48 -19.02 23.19
N TYR A 631 17.96 -17.95 22.60
CA TYR A 631 16.52 -17.74 22.45
C TYR A 631 16.31 -17.14 21.06
N SER A 632 15.90 -17.96 20.10
CA SER A 632 15.83 -17.54 18.70
C SER A 632 14.40 -17.63 18.16
N LEU A 633 14.03 -16.68 17.30
CA LEU A 633 12.69 -16.65 16.70
C LEU A 633 12.71 -16.74 15.18
N ASP A 634 11.62 -17.29 14.63
CA ASP A 634 11.39 -17.38 13.19
C ASP A 634 9.89 -17.15 13.02
N VAL A 635 9.45 -15.91 13.21
CA VAL A 635 8.02 -15.58 13.19
C VAL A 635 7.72 -14.66 12.03
N TRP A 636 6.65 -14.94 11.29
CA TRP A 636 6.50 -14.43 9.93
C TRP A 636 5.64 -13.17 9.76
N SER A 637 5.24 -12.53 10.86
CA SER A 637 4.49 -11.27 10.78
C SER A 637 5.03 -10.29 11.82
#